data_6TB7
#
_entry.id   6TB7
#
_cell.length_a   57.430
_cell.length_b   59.450
_cell.length_c   190.380
_cell.angle_alpha   90.000
_cell.angle_beta   90.000
_cell.angle_gamma   90.000
#
_symmetry.space_group_name_H-M   'I 2 2 2'
#
loop_
_entity.id
_entity.type
_entity.pdbx_description
1 polymer RNA
2 non-polymer 'ADENOSINE MONOPHOSPHATE'
3 non-polymer 'MAGNESIUM ION'
4 non-polymer 'SODIUM ION'
5 non-polymer 'BROMIDE ION'
6 water water
#
_entity_poly.entity_id   1
_entity_poly.type   'polyribonucleotide'
_entity_poly.pdbx_seq_one_letter_code
;GGCUUCAACAACCCCGUAGGUUGGGCCGAAAGGCAGCGAAUCUACUGGAGCC
;
_entity_poly.pdbx_strand_id   A
#